data_6CUN
#
_entry.id   6CUN
#
_cell.length_a   60.343
_cell.length_b   60.343
_cell.length_c   77.232
_cell.angle_alpha   90.00
_cell.angle_beta   90.00
_cell.angle_gamma   120.00
#
_symmetry.space_group_name_H-M   'P 32 2 1'
#
loop_
_entity.id
_entity.type
_entity.pdbx_description
1 polymer 'Cytochrome c'
2 non-polymer 'HEME C'
3 non-polymer 'ETHYL PROPIONATE'
4 water water
#
_entity_poly.entity_id   1
_entity_poly.type   'polypeptide(L)'
_entity_poly.pdbx_seq_one_letter_code
;HHHHHHQDPEALAAEIGPVKQVSLGEQIDAALAQQGEQLFNTYCTACHRLDERFIGPALRDVTKRRGPVYIMNTMLNPNG
MIQRHPVMKQLVQEYGTMDTDEALSEEQARAILEYLRQVAENQ
;
_entity_poly.pdbx_strand_id   A
#
loop_
_chem_comp.id
_chem_comp.type
_chem_comp.name
_chem_comp.formula
CA1 non-polymer 'ETHYL PROPIONATE' 'C5 H10 O2'
HEC non-polymer 'HEME C' 'C34 H34 Fe N4 O4'
#
# COMPACT_ATOMS: atom_id res chain seq x y z
N ASP A 8 15.29 -7.24 2.42
CA ASP A 8 15.60 -6.27 3.51
C ASP A 8 14.31 -5.51 3.88
N PRO A 9 13.81 -4.62 3.01
CA PRO A 9 12.71 -3.80 3.49
C PRO A 9 11.45 -4.59 3.78
N GLU A 10 11.23 -5.72 3.09
CA GLU A 10 10.05 -6.55 3.40
C GLU A 10 10.18 -7.18 4.78
N ALA A 11 11.36 -7.64 5.13
CA ALA A 11 11.57 -8.27 6.45
C ALA A 11 11.31 -7.26 7.56
N LEU A 12 11.78 -6.02 7.39
CA LEU A 12 11.52 -5.04 8.42
C LEU A 12 10.03 -4.70 8.46
N ALA A 13 9.37 -4.59 7.28
CA ALA A 13 7.93 -4.37 7.27
C ALA A 13 7.20 -5.52 8.02
N ALA A 14 7.65 -6.74 7.84
CA ALA A 14 7.00 -7.86 8.53
C ALA A 14 7.17 -7.74 10.02
N GLU A 15 8.38 -7.44 10.47
CA GLU A 15 8.61 -7.30 11.92
C GLU A 15 7.70 -6.22 12.53
N ILE A 16 7.51 -5.13 11.82
CA ILE A 16 6.64 -4.04 12.29
C ILE A 16 5.20 -4.55 12.38
N GLY A 17 4.76 -5.27 11.34
CA GLY A 17 3.47 -5.91 11.34
C GLY A 17 2.32 -4.95 11.07
N PRO A 18 1.10 -5.49 11.09
CA PRO A 18 0.73 -6.84 11.53
C PRO A 18 0.91 -7.91 10.52
N VAL A 19 0.92 -7.59 9.25
CA VAL A 19 1.06 -8.58 8.24
C VAL A 19 2.52 -9.07 8.20
N LYS A 20 2.70 -10.37 8.07
CA LYS A 20 4.02 -10.99 8.06
C LYS A 20 4.45 -11.54 6.72
N GLN A 21 3.49 -11.98 5.91
CA GLN A 21 3.75 -12.63 4.62
C GLN A 21 2.55 -12.40 3.75
N VAL A 22 2.74 -12.25 2.45
CA VAL A 22 1.66 -12.27 1.48
C VAL A 22 2.13 -13.09 0.31
N SER A 23 1.44 -14.20 0.03
CA SER A 23 1.70 -15.00 -1.16
C SER A 23 0.83 -14.46 -2.25
N LEU A 24 1.44 -14.10 -3.36
CA LEU A 24 0.71 -13.47 -4.44
C LEU A 24 0.40 -14.46 -5.52
N GLY A 25 -0.84 -14.43 -6.03
CA GLY A 25 -1.22 -15.31 -7.12
C GLY A 25 -0.37 -15.02 -8.34
N GLU A 26 -0.15 -16.01 -9.18
CA GLU A 26 0.52 -15.78 -10.46
C GLU A 26 -0.30 -14.78 -11.31
N GLN A 27 -1.62 -14.89 -11.26
CA GLN A 27 -2.53 -14.06 -12.03
C GLN A 27 -3.18 -13.07 -11.07
N ILE A 28 -3.58 -11.94 -11.61
CA ILE A 28 -4.40 -10.99 -10.83
C ILE A 28 -5.83 -11.53 -10.75
N ASP A 29 -6.41 -11.48 -9.56
CA ASP A 29 -7.79 -11.87 -9.30
C ASP A 29 -8.64 -10.65 -9.63
N ALA A 30 -9.23 -10.63 -10.80
CA ALA A 30 -9.91 -9.44 -11.29
C ALA A 30 -11.05 -9.03 -10.41
N ALA A 31 -11.81 -9.98 -9.81
CA ALA A 31 -12.91 -9.62 -8.99
C ALA A 31 -12.44 -8.97 -7.68
N LEU A 32 -11.38 -9.50 -7.11
CA LEU A 32 -10.78 -8.91 -5.93
C LEU A 32 -10.28 -7.51 -6.25
N ALA A 33 -9.58 -7.37 -7.38
CA ALA A 33 -9.11 -6.06 -7.81
C ALA A 33 -10.20 -5.02 -7.99
N GLN A 34 -11.38 -5.48 -8.48
CA GLN A 34 -12.48 -4.56 -8.67
C GLN A 34 -12.98 -4.03 -7.34
N GLN A 35 -13.03 -4.89 -6.30
CA GLN A 35 -13.37 -4.39 -5.00
C GLN A 35 -12.33 -3.44 -4.51
N GLY A 36 -11.09 -3.73 -4.79
CA GLY A 36 -9.98 -2.85 -4.46
C GLY A 36 -10.08 -1.51 -5.11
N GLU A 37 -10.50 -1.46 -6.36
CA GLU A 37 -10.69 -0.22 -7.10
C GLU A 37 -11.70 0.69 -6.40
N GLN A 38 -12.85 0.11 -6.04
CA GLN A 38 -13.86 0.86 -5.34
C GLN A 38 -13.37 1.40 -4.01
N LEU A 39 -12.67 0.57 -3.24
CA LEU A 39 -12.09 1.01 -2.00
C LEU A 39 -11.04 2.12 -2.22
N PHE A 40 -10.18 1.94 -3.21
CA PHE A 40 -9.14 2.95 -3.50
C PHE A 40 -9.81 4.29 -3.77
N ASN A 41 -10.86 4.28 -4.56
CA ASN A 41 -11.60 5.51 -4.91
C ASN A 41 -12.43 6.07 -3.78
N THR A 42 -12.65 5.32 -2.75
CA THR A 42 -13.32 5.78 -1.55
C THR A 42 -12.38 6.43 -0.55
N TYR A 43 -11.24 5.77 -0.31
CA TYR A 43 -10.36 6.11 0.78
C TYR A 43 -9.06 6.74 0.30
N CYS A 44 -8.44 6.20 -0.69
CA CYS A 44 -7.06 6.57 -0.98
C CYS A 44 -6.94 7.80 -1.85
N THR A 45 -7.91 8.06 -2.70
CA THR A 45 -7.88 9.23 -3.55
C THR A 45 -8.12 10.53 -2.78
N ALA A 46 -8.35 10.52 -1.48
CA ALA A 46 -8.29 11.74 -0.69
C ALA A 46 -6.90 12.30 -0.75
N CYS A 47 -5.87 11.44 -0.92
CA CYS A 47 -4.48 11.90 -0.85
C CYS A 47 -3.58 11.44 -1.95
N HIS A 48 -3.98 10.46 -2.74
CA HIS A 48 -3.12 9.88 -3.76
C HIS A 48 -3.77 9.88 -5.13
N ARG A 49 -2.92 9.88 -6.13
CA ARG A 49 -3.26 9.62 -7.52
C ARG A 49 -2.35 8.49 -8.01
N LEU A 50 -2.71 7.95 -9.17
CA LEU A 50 -1.90 6.86 -9.74
C LEU A 50 -0.61 7.40 -10.36
N ASP A 51 -0.71 8.51 -11.10
CA ASP A 51 0.41 8.98 -11.94
C ASP A 51 1.09 10.22 -11.45
N GLU A 52 0.47 11.00 -10.58
CA GLU A 52 0.96 12.31 -10.12
C GLU A 52 1.14 12.33 -8.64
N ARG A 53 1.97 13.19 -8.12
CA ARG A 53 2.07 13.48 -6.72
C ARG A 53 0.80 14.27 -6.31
N PHE A 54 0.35 14.04 -5.08
CA PHE A 54 -0.80 14.77 -4.54
C PHE A 54 -0.42 15.03 -3.09
N ILE A 55 -1.20 14.65 -2.12
CA ILE A 55 -0.78 14.81 -0.75
C ILE A 55 0.31 13.78 -0.43
N GLY A 56 0.14 12.55 -0.92
CA GLY A 56 1.17 11.54 -0.88
C GLY A 56 1.74 11.20 -2.25
N PRO A 57 2.71 10.28 -2.30
CA PRO A 57 3.32 9.90 -3.55
C PRO A 57 2.37 9.25 -4.52
N ALA A 58 2.67 9.31 -5.80
CA ALA A 58 1.96 8.59 -6.82
C ALA A 58 2.09 7.10 -6.56
N LEU A 59 1.07 6.34 -6.89
CA LEU A 59 1.02 4.91 -6.51
C LEU A 59 0.93 3.91 -7.63
N ARG A 60 0.82 4.33 -8.89
CA ARG A 60 0.61 3.30 -9.93
C ARG A 60 1.66 2.18 -9.88
N ASP A 61 2.90 2.56 -9.63
CA ASP A 61 4.01 1.60 -9.67
C ASP A 61 4.53 1.29 -8.31
N VAL A 62 3.70 1.44 -7.26
CA VAL A 62 4.16 1.14 -5.93
C VAL A 62 4.49 -0.34 -5.79
N THR A 63 3.77 -1.21 -6.48
CA THR A 63 4.05 -2.64 -6.37
C THR A 63 5.27 -3.06 -7.17
N LYS A 64 5.84 -2.15 -7.99
CA LYS A 64 7.12 -2.42 -8.63
C LYS A 64 8.25 -2.05 -7.69
N ARG A 65 8.17 -0.95 -6.98
CA ARG A 65 9.25 -0.50 -6.12
C ARG A 65 9.19 -1.04 -4.70
N ARG A 66 8.00 -1.48 -4.24
CA ARG A 66 7.80 -2.05 -2.90
C ARG A 66 7.24 -3.44 -3.00
N GLY A 67 7.35 -4.17 -1.90
CA GLY A 67 6.71 -5.48 -1.74
C GLY A 67 5.39 -5.41 -1.04
N PRO A 68 4.68 -6.54 -0.99
CA PRO A 68 3.32 -6.55 -0.52
C PRO A 68 3.21 -6.38 0.98
N VAL A 69 4.17 -6.86 1.76
CA VAL A 69 4.09 -6.68 3.23
C VAL A 69 4.24 -5.22 3.60
N TYR A 70 5.18 -4.53 2.97
CA TYR A 70 5.31 -3.08 3.18
C TYR A 70 4.00 -2.35 2.84
N ILE A 71 3.43 -2.68 1.67
CA ILE A 71 2.22 -1.98 1.25
C ILE A 71 1.08 -2.26 2.23
N MET A 72 0.91 -3.53 2.60
CA MET A 72 -0.16 -3.88 3.49
C MET A 72 0.00 -3.20 4.85
N ASN A 73 1.19 -3.18 5.40
CA ASN A 73 1.39 -2.62 6.72
C ASN A 73 1.39 -1.09 6.70
N THR A 74 1.65 -0.48 5.54
CA THR A 74 1.42 0.97 5.40
C THR A 74 -0.06 1.29 5.61
N MET A 75 -0.94 0.46 5.02
CA MET A 75 -2.36 0.64 5.22
C MET A 75 -2.86 0.28 6.62
N LEU A 76 -2.30 -0.78 7.18
CA LEU A 76 -2.84 -1.34 8.41
C LEU A 76 -2.16 -0.85 9.67
N ASN A 77 -0.94 -0.34 9.53
CA ASN A 77 -0.17 0.14 10.66
C ASN A 77 0.67 1.31 10.23
N PRO A 78 -0.01 2.39 9.79
CA PRO A 78 0.77 3.53 9.32
C PRO A 78 1.68 4.13 10.40
N ASN A 79 1.22 4.15 11.64
CA ASN A 79 2.06 4.77 12.69
C ASN A 79 3.30 3.96 12.93
N GLY A 80 3.17 2.64 12.97
CA GLY A 80 4.34 1.77 13.12
C GLY A 80 5.31 1.90 11.96
N MET A 81 4.80 2.01 10.75
CA MET A 81 5.67 2.18 9.59
C MET A 81 6.40 3.53 9.65
N ILE A 82 5.69 4.58 10.01
CA ILE A 82 6.29 5.91 10.12
C ILE A 82 7.38 5.93 11.19
N GLN A 83 7.14 5.27 12.31
CA GLN A 83 8.11 5.26 13.43
C GLN A 83 9.33 4.41 13.15
N ARG A 84 9.17 3.30 12.42
CA ARG A 84 10.19 2.24 12.41
C ARG A 84 10.74 1.83 11.06
N HIS A 85 10.10 2.17 9.94
CA HIS A 85 10.53 1.66 8.66
C HIS A 85 11.32 2.73 7.93
N PRO A 86 12.59 2.44 7.61
CA PRO A 86 13.43 3.52 7.06
C PRO A 86 12.89 4.14 5.77
N VAL A 87 12.26 3.34 4.91
CA VAL A 87 11.71 3.87 3.68
C VAL A 87 10.62 4.87 3.99
N MET A 88 9.73 4.46 4.89
CA MET A 88 8.62 5.35 5.28
C MET A 88 9.07 6.61 6.07
N LYS A 89 10.04 6.45 6.98
CA LYS A 89 10.55 7.59 7.73
C LYS A 89 11.04 8.69 6.81
N GLN A 90 11.75 8.28 5.76
CA GLN A 90 12.17 9.27 4.78
C GLN A 90 10.99 9.92 4.06
N LEU A 91 10.00 9.12 3.64
CA LEU A 91 8.85 9.74 2.99
C LEU A 91 8.16 10.75 3.90
N VAL A 92 8.08 10.47 5.19
CA VAL A 92 7.45 11.40 6.14
C VAL A 92 8.18 12.76 6.15
N GLN A 93 9.49 12.71 6.07
CA GLN A 93 10.32 13.91 5.98
C GLN A 93 9.97 14.72 4.73
N GLU A 94 9.66 14.02 3.64
CA GLU A 94 9.38 14.63 2.34
C GLU A 94 7.96 15.12 2.15
N TYR A 95 6.98 14.41 2.70
CA TYR A 95 5.55 14.67 2.45
C TYR A 95 4.78 15.19 3.66
N GLY A 96 5.31 15.00 4.88
CA GLY A 96 4.69 15.55 6.08
C GLY A 96 3.71 14.60 6.72
N THR A 97 3.01 15.11 7.74
CA THR A 97 2.28 14.27 8.67
C THR A 97 0.86 14.77 8.77
N MET A 98 -0.09 13.86 8.56
CA MET A 98 -1.47 14.23 8.21
C MET A 98 -2.45 13.11 8.51
N GLU A 102 -8.12 6.75 8.44
CA GLU A 102 -8.80 5.53 8.01
C GLU A 102 -8.38 4.35 8.89
N ALA A 103 -9.25 3.36 9.01
CA ALA A 103 -9.00 2.17 9.78
C ALA A 103 -9.55 0.97 8.98
N LEU A 104 -8.81 0.61 7.94
CA LEU A 104 -9.23 -0.50 7.06
C LEU A 104 -9.04 -1.81 7.72
N SER A 105 -9.83 -2.79 7.29
CA SER A 105 -9.57 -4.19 7.63
C SER A 105 -8.47 -4.79 6.79
N GLU A 106 -7.91 -5.91 7.24
CA GLU A 106 -6.93 -6.60 6.42
C GLU A 106 -7.57 -7.04 5.07
N GLU A 107 -8.83 -7.49 5.10
CA GLU A 107 -9.49 -7.89 3.88
C GLU A 107 -9.54 -6.72 2.89
N GLN A 108 -9.93 -5.57 3.36
CA GLN A 108 -9.98 -4.36 2.51
C GLN A 108 -8.62 -4.00 1.98
N ALA A 109 -7.60 -4.03 2.84
CA ALA A 109 -6.26 -3.74 2.41
C ALA A 109 -5.78 -4.70 1.34
N ARG A 110 -6.11 -6.00 1.50
CA ARG A 110 -5.68 -6.99 0.53
C ARG A 110 -6.36 -6.76 -0.81
N ALA A 111 -7.64 -6.33 -0.83
CA ALA A 111 -8.32 -5.98 -2.07
C ALA A 111 -7.64 -4.80 -2.73
N ILE A 112 -7.33 -3.78 -1.95
CA ILE A 112 -6.61 -2.61 -2.50
C ILE A 112 -5.26 -3.03 -3.06
N LEU A 113 -4.53 -3.90 -2.38
CA LEU A 113 -3.26 -4.41 -2.92
C LEU A 113 -3.48 -5.02 -4.28
N GLU A 114 -4.53 -5.81 -4.45
CA GLU A 114 -4.78 -6.45 -5.72
C GLU A 114 -5.02 -5.41 -6.82
N TYR A 115 -5.79 -4.34 -6.49
CA TYR A 115 -5.96 -3.24 -7.45
C TYR A 115 -4.64 -2.58 -7.79
N LEU A 116 -3.79 -2.32 -6.77
CA LEU A 116 -2.47 -1.76 -7.05
C LEU A 116 -1.66 -2.67 -7.96
N ARG A 117 -1.77 -3.99 -7.84
CA ARG A 117 -1.04 -4.87 -8.73
C ARG A 117 -1.57 -4.80 -10.16
N GLN A 118 -2.89 -4.62 -10.28
CA GLN A 118 -3.54 -4.55 -11.58
C GLN A 118 -3.14 -3.30 -12.34
N VAL A 119 -3.16 -2.16 -11.63
CA VAL A 119 -2.83 -0.89 -12.30
C VAL A 119 -1.38 -0.77 -12.77
N ALA A 120 -0.51 -1.48 -12.07
CA ALA A 120 0.91 -1.53 -12.49
C ALA A 120 1.06 -2.30 -13.80
N GLU A 121 0.12 -3.20 -14.11
CA GLU A 121 0.12 -4.00 -15.34
C GLU A 121 -0.55 -3.22 -16.51
N ASN A 122 -1.39 -2.24 -16.17
CA ASN A 122 -1.72 -1.12 -17.05
C ASN A 122 -0.57 -0.12 -17.01
FE HEC B . -1.03 6.81 1.68
CHA HEC B . 2.40 6.95 1.63
CHB HEC B . -0.90 3.77 0.24
CHC HEC B . -4.38 6.56 2.02
CHD HEC B . -1.16 10.04 2.71
NA HEC B . 0.45 5.60 1.08
C1A HEC B . 1.81 5.80 1.14
C2A HEC B . 2.51 4.63 0.62
C3A HEC B . 1.56 3.75 0.28
C4A HEC B . 0.28 4.35 0.52
CMA HEC B . 1.75 2.34 -0.29
CAA HEC B . 4.03 4.49 0.50
CBA HEC B . 4.46 4.81 -0.93
CGA HEC B . 5.85 4.42 -1.30
O1A HEC B . 6.32 4.74 -2.43
O2A HEC B . 6.50 3.68 -0.53
NB HEC B . -2.37 5.45 1.21
C1B HEC B . -2.14 4.27 0.50
C2B HEC B . -3.39 3.64 0.22
C3B HEC B . -4.38 4.38 0.73
C4B HEC B . -3.75 5.53 1.36
CMB HEC B . -3.50 2.34 -0.57
CAB HEC B . -5.91 4.12 0.70
CBB HEC B . -6.19 2.91 1.63
NC HEC B . -2.48 8.03 2.29
C1C HEC B . -3.82 7.76 2.36
C2C HEC B . -4.56 8.94 2.76
C3C HEC B . -3.65 9.92 2.94
C4C HEC B . -2.34 9.36 2.67
CMC HEC B . -6.06 8.97 2.91
CAC HEC B . -3.99 11.43 3.22
CBC HEC B . -4.74 11.66 4.52
ND HEC B . 0.31 8.20 2.10
C1D HEC B . 0.08 9.52 2.51
C2D HEC B . 1.32 10.19 2.71
C3D HEC B . 2.31 9.34 2.41
C4D HEC B . 1.69 8.08 2.02
CMD HEC B . 1.41 11.67 3.17
CAD HEC B . 3.82 9.60 2.49
CBD HEC B . 4.32 9.31 3.90
CGD HEC B . 3.85 10.31 4.92
O1D HEC B . 4.27 11.53 4.75
O2D HEC B . 3.11 10.05 5.90
CX5 CA1 C . -1.72 4.69 3.83
CX6 CA1 C . -1.03 5.97 3.41
CX7 CA1 C . -0.30 6.59 4.45
OX8 CA1 C . -0.76 7.46 5.17
OX9 CA1 C . 1.04 6.15 4.60
CJ1 CA1 C . 1.91 6.81 5.54
CJ2 CA1 C . 2.09 5.92 6.72
#